data_6JER
#
_entry.id   6JER
#
_cell.length_a   39.425
_cell.length_b   39.425
_cell.length_c   187.888
_cell.angle_alpha   90.000
_cell.angle_beta   90.000
_cell.angle_gamma   120.000
#
_symmetry.space_group_name_H-M   'P 32'
#
loop_
_entity.id
_entity.type
_entity.pdbx_description
1 polymer 'Peptide deformylase'
2 non-polymer 'ZINC ION'
3 water water
#
_entity_poly.entity_id   1
_entity_poly.type   'polypeptide(L)'
_entity_poly.pdbx_seq_one_letter_code
;LLPILSFPDPRLRTIAKPVEEVTDEIRQLAADMFETMYAAPGIGLAASQVDRHIQLIVMDLSESKDEPMVFINPKVTPLT
EETQPYEEGCLSVPQIYDKVDRPSRVKIEAINLEGQAFEIEADGLLAVCIQHEMDHLNGKLFVDYLSPLKRQRAREKVEK
IVRQREREKV
;
_entity_poly.pdbx_strand_id   A,B
#
# COMPACT_ATOMS: atom_id res chain seq x y z
N LEU A 1 3.91 -12.49 -18.14
CA LEU A 1 3.08 -11.60 -17.24
C LEU A 1 2.21 -10.68 -18.08
N LEU A 2 0.89 -10.73 -17.85
CA LEU A 2 -0.09 -9.80 -18.47
C LEU A 2 0.02 -8.46 -17.74
N PRO A 3 0.15 -7.32 -18.47
CA PRO A 3 -0.02 -6.01 -17.84
C PRO A 3 -1.42 -5.91 -17.20
N ILE A 4 -1.45 -5.42 -15.97
CA ILE A 4 -2.73 -5.11 -15.29
C ILE A 4 -3.05 -3.64 -15.56
N LEU A 5 -4.24 -3.37 -16.10
CA LEU A 5 -4.82 -2.00 -16.20
C LEU A 5 -4.82 -1.40 -14.81
N SER A 6 -4.70 -0.08 -14.77
CA SER A 6 -4.53 0.74 -13.55
C SER A 6 -5.58 1.84 -13.56
N PHE A 7 -6.33 1.99 -12.47
CA PHE A 7 -7.18 3.17 -12.20
C PHE A 7 -6.38 4.42 -12.58
N PRO A 8 -6.90 5.38 -13.37
CA PRO A 8 -8.25 5.32 -13.99
C PRO A 8 -8.44 4.96 -15.48
N ASP A 9 -7.60 4.09 -16.05
CA ASP A 9 -7.83 3.56 -17.42
C ASP A 9 -9.32 3.37 -17.62
N PRO A 10 -9.96 3.99 -18.63
CA PRO A 10 -11.42 3.90 -18.79
C PRO A 10 -11.88 2.50 -19.23
N ARG A 11 -10.94 1.69 -19.75
CA ARG A 11 -11.15 0.25 -20.12
C ARG A 11 -11.59 -0.61 -18.91
N LEU A 12 -11.25 -0.22 -17.67
CA LEU A 12 -11.72 -0.89 -16.42
C LEU A 12 -13.22 -0.70 -16.27
N ARG A 13 -13.82 0.18 -17.07
CA ARG A 13 -15.25 0.58 -16.94
C ARG A 13 -16.10 -0.31 -17.88
N THR A 14 -15.46 -1.02 -18.81
CA THR A 14 -16.08 -2.01 -19.74
C THR A 14 -16.80 -3.10 -18.94
N ILE A 15 -18.08 -3.32 -19.24
CA ILE A 15 -18.91 -4.45 -18.74
C ILE A 15 -18.50 -5.70 -19.53
N ALA A 16 -18.01 -6.74 -18.84
CA ALA A 16 -17.52 -8.00 -19.43
C ALA A 16 -18.68 -8.73 -20.13
N LYS A 17 -18.39 -9.34 -21.29
CA LYS A 17 -19.31 -10.26 -22.02
C LYS A 17 -19.12 -11.69 -21.49
N PRO A 18 -20.19 -12.52 -21.52
CA PRO A 18 -20.11 -13.90 -21.05
C PRO A 18 -19.22 -14.77 -21.95
N VAL A 19 -18.53 -15.74 -21.34
CA VAL A 19 -17.73 -16.76 -22.07
C VAL A 19 -18.74 -17.65 -22.83
N GLU A 20 -18.48 -17.89 -24.11
CA GLU A 20 -19.41 -18.61 -25.03
C GLU A 20 -19.25 -20.10 -24.79
N GLU A 21 -18.00 -20.56 -24.85
CA GLU A 21 -17.58 -21.94 -24.54
C GLU A 21 -16.21 -21.82 -23.87
N VAL A 22 -15.82 -22.77 -23.04
CA VAL A 22 -14.47 -22.80 -22.43
C VAL A 22 -13.53 -23.46 -23.43
N THR A 23 -12.91 -22.66 -24.30
CA THR A 23 -11.91 -23.07 -25.31
C THR A 23 -10.57 -23.33 -24.63
N ASP A 24 -9.57 -23.75 -25.40
CA ASP A 24 -8.19 -23.95 -24.90
C ASP A 24 -7.53 -22.58 -24.72
N GLU A 25 -8.04 -21.56 -25.42
CA GLU A 25 -7.51 -20.18 -25.26
C GLU A 25 -7.93 -19.68 -23.87
N ILE A 26 -9.21 -19.86 -23.51
CA ILE A 26 -9.76 -19.44 -22.19
C ILE A 26 -8.92 -20.13 -21.11
N ARG A 27 -8.49 -21.37 -21.33
CA ARG A 27 -7.65 -22.12 -20.36
C ARG A 27 -6.27 -21.44 -20.24
N GLN A 28 -5.61 -21.16 -21.36
CA GLN A 28 -4.28 -20.48 -21.36
C GLN A 28 -4.40 -19.13 -20.65
N LEU A 29 -5.34 -18.29 -21.12
CA LEU A 29 -5.66 -16.96 -20.54
C LEU A 29 -5.82 -17.04 -19.02
N ALA A 30 -6.66 -17.93 -18.51
CA ALA A 30 -6.84 -18.17 -17.06
C ALA A 30 -5.50 -18.48 -16.38
N ALA A 31 -4.64 -19.32 -16.98
CA ALA A 31 -3.28 -19.61 -16.47
C ALA A 31 -2.44 -18.32 -16.54
N ASP A 32 -2.51 -17.58 -17.63
CA ASP A 32 -1.83 -16.26 -17.70
C ASP A 32 -2.24 -15.42 -16.48
N MET A 33 -3.53 -15.37 -16.14
CA MET A 33 -4.07 -14.52 -15.04
C MET A 33 -3.61 -14.99 -13.66
N PHE A 34 -3.60 -16.29 -13.38
CA PHE A 34 -3.06 -16.84 -12.11
C PHE A 34 -1.63 -16.34 -11.92
N GLU A 35 -0.84 -16.28 -13.00
CA GLU A 35 0.60 -15.95 -12.89
C GLU A 35 0.77 -14.46 -12.59
N THR A 36 0.23 -13.61 -13.44
CA THR A 36 0.00 -12.17 -13.15
C THR A 36 -0.39 -12.03 -11.66
N MET A 37 -1.52 -12.63 -11.25
CA MET A 37 -2.11 -12.44 -9.89
C MET A 37 -1.08 -12.82 -8.81
N TYR A 38 -0.43 -13.98 -8.96
CA TYR A 38 0.52 -14.52 -7.95
C TYR A 38 1.81 -13.68 -7.90
N ALA A 39 2.23 -13.09 -9.03
CA ALA A 39 3.44 -12.24 -9.15
C ALA A 39 3.25 -10.90 -8.41
N ALA A 40 2.04 -10.31 -8.40
CA ALA A 40 1.81 -8.92 -7.94
C ALA A 40 2.41 -8.66 -6.55
N PRO A 41 2.06 -9.38 -5.47
CA PRO A 41 1.11 -10.49 -5.49
C PRO A 41 -0.32 -10.01 -5.19
N GLY A 42 -1.27 -10.95 -5.15
CA GLY A 42 -2.68 -10.67 -4.84
C GLY A 42 -3.48 -11.96 -4.82
N ILE A 43 -4.75 -11.89 -4.38
CA ILE A 43 -5.58 -13.07 -4.05
C ILE A 43 -6.72 -13.22 -5.07
N GLY A 44 -6.93 -12.23 -5.94
CA GLY A 44 -8.08 -12.15 -6.87
C GLY A 44 -7.77 -11.32 -8.11
N LEU A 45 -8.31 -11.70 -9.26
CA LEU A 45 -8.13 -10.97 -10.53
C LEU A 45 -9.22 -11.40 -11.52
N ALA A 46 -9.87 -10.38 -12.13
CA ALA A 46 -10.88 -10.44 -13.19
C ALA A 46 -10.19 -10.19 -14.53
N ALA A 47 -10.64 -10.82 -15.61
CA ALA A 47 -10.07 -10.71 -16.97
C ALA A 47 -10.16 -9.24 -17.46
N SER A 48 -11.26 -8.55 -17.15
CA SER A 48 -11.39 -7.07 -17.22
C SER A 48 -10.07 -6.36 -16.84
N GLN A 49 -9.34 -6.83 -15.80
CA GLN A 49 -8.17 -6.12 -15.27
C GLN A 49 -6.96 -6.35 -16.17
N VAL A 50 -6.94 -7.42 -16.97
CA VAL A 50 -5.87 -7.62 -17.99
C VAL A 50 -6.42 -7.31 -19.38
N ASP A 51 -7.44 -6.47 -19.47
CA ASP A 51 -8.00 -5.91 -20.73
C ASP A 51 -8.64 -7.02 -21.59
N ARG A 52 -9.29 -7.99 -20.96
CA ARG A 52 -9.97 -9.09 -21.66
C ARG A 52 -11.41 -9.17 -21.10
N HIS A 53 -12.34 -8.50 -21.78
CA HIS A 53 -13.69 -8.18 -21.25
C HIS A 53 -14.62 -9.39 -21.42
N ILE A 54 -14.32 -10.50 -20.73
CA ILE A 54 -15.14 -11.74 -20.66
C ILE A 54 -15.34 -12.11 -19.18
N GLN A 55 -16.39 -12.87 -18.87
CA GLN A 55 -16.74 -13.20 -17.47
C GLN A 55 -15.87 -14.34 -16.95
N LEU A 56 -14.60 -14.01 -16.66
CA LEU A 56 -13.55 -14.91 -16.16
C LEU A 56 -12.91 -14.28 -14.92
N ILE A 57 -12.93 -15.01 -13.81
CA ILE A 57 -12.32 -14.57 -12.53
C ILE A 57 -11.40 -15.68 -12.04
N VAL A 58 -10.21 -15.30 -11.59
CA VAL A 58 -9.18 -16.21 -11.04
C VAL A 58 -8.98 -15.81 -9.57
N MET A 59 -8.84 -16.76 -8.67
CA MET A 59 -8.76 -16.50 -7.21
C MET A 59 -7.88 -17.54 -6.51
N ASP A 60 -7.29 -17.15 -5.39
CA ASP A 60 -6.56 -18.04 -4.45
C ASP A 60 -6.39 -17.29 -3.13
N LEU A 61 -7.16 -17.71 -2.12
CA LEU A 61 -7.18 -17.11 -0.76
C LEU A 61 -6.07 -17.72 0.11
N SER A 62 -5.31 -18.70 -0.37
CA SER A 62 -4.43 -19.54 0.50
C SER A 62 -3.13 -18.80 0.83
N GLU A 63 -2.54 -19.11 1.99
CA GLU A 63 -1.25 -18.51 2.43
C GLU A 63 -0.15 -19.01 1.51
N SER A 64 -0.43 -20.00 0.65
CA SER A 64 0.45 -20.34 -0.51
C SER A 64 -0.27 -20.10 -1.84
N LYS A 65 0.34 -20.57 -2.93
CA LYS A 65 -0.15 -20.42 -4.32
C LYS A 65 -0.84 -21.73 -4.68
N ASP A 66 -1.53 -22.35 -3.73
CA ASP A 66 -1.85 -23.80 -3.73
C ASP A 66 -3.36 -24.10 -3.86
N GLU A 67 -4.25 -23.12 -3.67
CA GLU A 67 -5.74 -23.32 -3.68
C GLU A 67 -6.38 -22.50 -4.80
N PRO A 68 -6.04 -22.75 -6.07
CA PRO A 68 -6.55 -21.94 -7.17
C PRO A 68 -8.06 -22.18 -7.42
N MET A 69 -8.78 -21.15 -7.88
CA MET A 69 -10.25 -21.22 -8.10
C MET A 69 -10.62 -20.33 -9.28
N VAL A 70 -11.54 -20.83 -10.11
CA VAL A 70 -12.01 -20.22 -11.38
C VAL A 70 -13.53 -20.12 -11.39
N PHE A 71 -14.01 -18.93 -11.80
CA PHE A 71 -15.43 -18.53 -11.96
C PHE A 71 -15.55 -17.94 -13.35
N ILE A 72 -16.40 -18.55 -14.19
CA ILE A 72 -16.69 -18.19 -15.59
C ILE A 72 -18.20 -18.00 -15.64
N ASN A 73 -18.65 -16.84 -16.12
CA ASN A 73 -20.08 -16.43 -16.13
C ASN A 73 -20.66 -16.53 -14.73
N PRO A 74 -20.07 -15.84 -13.73
CA PRO A 74 -20.58 -15.90 -12.37
C PRO A 74 -21.86 -15.10 -12.20
N LYS A 75 -22.71 -15.57 -11.30
CA LYS A 75 -23.89 -14.88 -10.76
C LYS A 75 -23.76 -14.96 -9.24
N VAL A 76 -23.69 -13.83 -8.52
CA VAL A 76 -23.66 -13.86 -7.03
C VAL A 76 -24.89 -13.15 -6.44
N THR A 77 -25.57 -13.87 -5.56
CA THR A 77 -26.77 -13.44 -4.81
C THR A 77 -26.41 -13.33 -3.34
N PRO A 78 -26.64 -12.15 -2.72
CA PRO A 78 -26.64 -12.05 -1.26
C PRO A 78 -27.62 -13.07 -0.66
N LEU A 79 -27.31 -13.67 0.47
CA LEU A 79 -28.26 -14.60 1.14
C LEU A 79 -28.97 -13.89 2.31
N THR A 80 -28.59 -12.63 2.60
CA THR A 80 -29.09 -11.86 3.77
C THR A 80 -28.90 -10.35 3.58
N GLU A 81 -29.30 -9.59 4.60
CA GLU A 81 -29.12 -8.11 4.72
C GLU A 81 -27.79 -7.81 5.43
N GLU A 82 -27.33 -8.70 6.31
CA GLU A 82 -26.07 -8.49 7.08
C GLU A 82 -24.97 -8.09 6.09
N THR A 83 -24.25 -7.00 6.37
CA THR A 83 -22.97 -6.63 5.71
C THR A 83 -21.85 -6.73 6.74
N GLN A 84 -20.63 -7.03 6.30
CA GLN A 84 -19.38 -7.03 7.11
C GLN A 84 -18.44 -6.02 6.47
N PRO A 85 -17.76 -5.17 7.27
CA PRO A 85 -16.73 -4.29 6.73
C PRO A 85 -15.52 -5.14 6.39
N TYR A 86 -14.75 -4.79 5.36
CA TYR A 86 -13.42 -5.40 5.13
C TYR A 86 -12.49 -4.38 4.46
N GLU A 87 -11.22 -4.42 4.86
CA GLU A 87 -10.13 -3.60 4.28
C GLU A 87 -9.75 -4.24 2.94
N GLU A 88 -10.17 -3.62 1.82
CA GLU A 88 -9.99 -4.20 0.47
C GLU A 88 -8.78 -3.58 -0.21
N GLY A 89 -8.11 -4.36 -1.04
CA GLY A 89 -7.10 -3.88 -1.99
C GLY A 89 -7.50 -4.27 -3.40
N CYS A 90 -6.65 -3.94 -4.37
CA CYS A 90 -6.90 -4.20 -5.81
C CYS A 90 -5.61 -3.89 -6.57
N LEU A 91 -5.16 -4.90 -7.31
CA LEU A 91 -4.05 -4.85 -8.28
C LEU A 91 -4.26 -3.74 -9.34
N SER A 92 -5.51 -3.32 -9.58
CA SER A 92 -5.87 -2.22 -10.52
C SER A 92 -5.97 -0.89 -9.78
N VAL A 93 -5.97 -0.90 -8.45
CA VAL A 93 -5.68 0.32 -7.62
C VAL A 93 -4.49 0.00 -6.71
N PRO A 94 -3.29 -0.20 -7.25
CA PRO A 94 -2.17 -0.72 -6.46
C PRO A 94 -1.79 0.23 -5.30
N GLN A 95 -1.47 -0.38 -4.13
CA GLN A 95 -0.93 0.26 -2.90
C GLN A 95 -2.04 0.60 -1.91
N ILE A 96 -3.21 0.96 -2.41
CA ILE A 96 -4.27 1.63 -1.60
C ILE A 96 -5.21 0.58 -1.01
N TYR A 97 -5.56 0.77 0.25
CA TYR A 97 -6.47 -0.06 1.06
C TYR A 97 -7.42 0.86 1.81
N ASP A 98 -8.72 0.57 1.75
CA ASP A 98 -9.77 1.19 2.60
C ASP A 98 -10.81 0.11 2.94
N LYS A 99 -11.76 0.45 3.82
CA LYS A 99 -12.78 -0.47 4.37
C LYS A 99 -14.03 -0.38 3.51
N VAL A 100 -14.55 -1.50 3.01
CA VAL A 100 -15.80 -1.49 2.19
C VAL A 100 -16.84 -2.36 2.90
N ASP A 101 -18.12 -2.02 2.73
CA ASP A 101 -19.25 -2.70 3.42
C ASP A 101 -20.05 -3.52 2.40
N ARG A 102 -19.88 -4.84 2.40
CA ARG A 102 -20.56 -5.74 1.43
C ARG A 102 -21.36 -6.80 2.18
N PRO A 103 -22.45 -7.33 1.58
CA PRO A 103 -23.16 -8.49 2.13
C PRO A 103 -22.20 -9.60 2.59
N SER A 104 -22.57 -10.31 3.67
CA SER A 104 -21.70 -11.19 4.50
C SER A 104 -21.73 -12.65 4.01
N ARG A 105 -22.89 -13.13 3.59
CA ARG A 105 -23.13 -14.48 3.01
C ARG A 105 -23.73 -14.25 1.63
N VAL A 106 -23.23 -14.95 0.60
CA VAL A 106 -23.72 -14.85 -0.80
C VAL A 106 -23.71 -16.26 -1.36
N LYS A 107 -24.53 -16.49 -2.37
CA LYS A 107 -24.60 -17.74 -3.18
C LYS A 107 -23.86 -17.49 -4.48
N ILE A 108 -22.88 -18.33 -4.81
CA ILE A 108 -22.12 -18.24 -6.09
C ILE A 108 -22.51 -19.37 -7.02
N GLU A 109 -22.93 -18.94 -8.22
CA GLU A 109 -23.39 -19.76 -9.35
C GLU A 109 -22.44 -19.44 -10.49
N ALA A 110 -21.63 -20.39 -10.94
CA ALA A 110 -20.59 -20.16 -11.96
C ALA A 110 -20.31 -21.46 -12.72
N ILE A 111 -19.34 -21.40 -13.64
CA ILE A 111 -18.85 -22.54 -14.46
C ILE A 111 -17.34 -22.66 -14.21
N ASN A 112 -16.82 -23.87 -14.27
CA ASN A 112 -15.40 -24.13 -13.95
C ASN A 112 -14.66 -24.26 -15.28
N LEU A 113 -13.39 -24.61 -15.23
CA LEU A 113 -12.51 -24.59 -16.42
C LEU A 113 -12.77 -25.84 -17.28
N GLU A 114 -13.60 -26.77 -16.79
CA GLU A 114 -14.04 -28.01 -17.51
C GLU A 114 -15.42 -27.80 -18.13
N GLY A 115 -16.06 -26.64 -17.93
CA GLY A 115 -17.42 -26.34 -18.42
C GLY A 115 -18.52 -26.95 -17.56
N GLN A 116 -18.26 -27.28 -16.28
CA GLN A 116 -19.29 -27.76 -15.32
C GLN A 116 -19.79 -26.62 -14.43
N ALA A 117 -21.10 -26.57 -14.22
CA ALA A 117 -21.75 -25.59 -13.32
C ALA A 117 -21.51 -26.03 -11.89
N PHE A 118 -21.49 -25.07 -10.99
CA PHE A 118 -21.45 -25.31 -9.53
C PHE A 118 -22.16 -24.17 -8.84
N GLU A 119 -22.77 -24.48 -7.69
CA GLU A 119 -23.49 -23.56 -6.79
C GLU A 119 -22.76 -23.68 -5.45
N ILE A 120 -22.15 -22.61 -4.95
CA ILE A 120 -21.49 -22.63 -3.62
C ILE A 120 -22.02 -21.44 -2.84
N GLU A 121 -22.06 -21.58 -1.53
CA GLU A 121 -22.44 -20.55 -0.53
C GLU A 121 -21.13 -20.09 0.11
N ALA A 122 -20.97 -18.80 0.32
CA ALA A 122 -19.66 -18.23 0.71
C ALA A 122 -19.83 -17.28 1.91
N ASP A 123 -18.95 -17.38 2.91
CA ASP A 123 -18.80 -16.33 3.95
C ASP A 123 -17.36 -15.81 4.00
N GLY A 124 -17.12 -14.82 4.87
CA GLY A 124 -15.76 -14.35 5.22
C GLY A 124 -15.05 -13.84 3.99
N LEU A 125 -13.77 -14.19 3.83
CA LEU A 125 -12.89 -13.63 2.78
C LEU A 125 -13.48 -13.92 1.39
N LEU A 126 -13.99 -15.14 1.15
CA LEU A 126 -14.52 -15.59 -0.16
C LEU A 126 -15.70 -14.71 -0.57
N ALA A 127 -16.59 -14.35 0.35
CA ALA A 127 -17.79 -13.55 0.03
C ALA A 127 -17.35 -12.14 -0.35
N VAL A 128 -16.25 -11.69 0.24
CA VAL A 128 -15.70 -10.33 -0.01
C VAL A 128 -15.14 -10.34 -1.44
N CYS A 129 -14.28 -11.30 -1.69
CA CYS A 129 -13.47 -11.39 -2.92
C CYS A 129 -14.37 -11.64 -4.14
N ILE A 130 -15.40 -12.50 -4.13
CA ILE A 130 -16.18 -12.68 -5.40
C ILE A 130 -16.96 -11.40 -5.65
N GLN A 131 -17.43 -10.71 -4.61
CA GLN A 131 -18.29 -9.52 -4.83
C GLN A 131 -17.40 -8.45 -5.47
N HIS A 132 -16.17 -8.30 -5.00
CA HIS A 132 -15.14 -7.37 -5.53
C HIS A 132 -14.86 -7.72 -7.00
N GLU A 133 -14.64 -8.99 -7.32
CA GLU A 133 -14.28 -9.41 -8.71
C GLU A 133 -15.48 -9.29 -9.63
N MET A 134 -16.67 -9.58 -9.11
CA MET A 134 -17.94 -9.43 -9.85
C MET A 134 -18.03 -7.99 -10.34
N ASP A 135 -17.82 -7.04 -9.42
CA ASP A 135 -17.89 -5.60 -9.74
C ASP A 135 -17.01 -5.35 -10.96
N HIS A 136 -15.78 -5.90 -10.98
CA HIS A 136 -14.85 -5.66 -12.12
C HIS A 136 -15.57 -6.01 -13.42
N LEU A 137 -16.25 -7.15 -13.43
CA LEU A 137 -17.01 -7.64 -14.61
C LEU A 137 -18.09 -6.63 -15.00
N ASN A 138 -18.64 -5.87 -14.06
CA ASN A 138 -19.62 -4.77 -14.32
C ASN A 138 -18.94 -3.39 -14.36
N GLY A 139 -17.61 -3.33 -14.57
CA GLY A 139 -16.88 -2.06 -14.72
C GLY A 139 -16.82 -1.22 -13.45
N LYS A 140 -17.05 -1.81 -12.28
CA LYS A 140 -17.07 -1.12 -10.97
C LYS A 140 -15.76 -1.41 -10.23
N LEU A 141 -15.22 -0.41 -9.51
CA LEU A 141 -13.96 -0.51 -8.71
C LEU A 141 -14.27 -0.19 -7.26
N PHE A 142 -13.58 -0.84 -6.31
CA PHE A 142 -13.90 -0.68 -4.86
C PHE A 142 -13.76 0.78 -4.48
N VAL A 143 -13.05 1.59 -5.29
CA VAL A 143 -12.93 3.05 -5.06
C VAL A 143 -14.29 3.74 -5.24
N ASP A 144 -15.30 3.10 -5.85
CA ASP A 144 -16.62 3.73 -6.11
C ASP A 144 -17.45 3.81 -4.83
N TYR A 145 -17.11 3.01 -3.82
CA TYR A 145 -17.72 3.01 -2.46
C TYR A 145 -16.95 3.91 -1.50
N LEU A 146 -15.86 4.56 -1.94
CA LEU A 146 -15.13 5.54 -1.09
C LEU A 146 -15.56 6.94 -1.53
N SER A 147 -15.39 7.92 -0.64
CA SER A 147 -15.60 9.37 -0.93
C SER A 147 -14.62 9.86 -2.00
N PRO A 148 -14.99 10.94 -2.75
CA PRO A 148 -14.15 11.48 -3.83
C PRO A 148 -12.77 12.02 -3.43
N LEU A 149 -12.60 12.51 -2.19
CA LEU A 149 -11.25 12.86 -1.65
C LEU A 149 -10.42 11.59 -1.72
N LYS A 150 -10.90 10.52 -1.06
CA LYS A 150 -10.21 9.20 -0.96
C LYS A 150 -9.89 8.67 -2.36
N ARG A 151 -10.83 8.90 -3.28
CA ARG A 151 -10.77 8.50 -4.70
C ARG A 151 -9.64 9.28 -5.34
N GLN A 152 -9.64 10.61 -5.21
CA GLN A 152 -8.69 11.47 -5.94
C GLN A 152 -7.30 11.26 -5.36
N ARG A 153 -7.18 11.08 -4.04
CA ARG A 153 -5.90 10.67 -3.42
C ARG A 153 -5.41 9.36 -4.05
N ALA A 154 -6.31 8.42 -4.38
CA ALA A 154 -5.96 7.14 -5.06
C ALA A 154 -5.51 7.38 -6.51
N ARG A 155 -6.26 8.18 -7.26
CA ARG A 155 -5.95 8.55 -8.67
C ARG A 155 -4.50 9.04 -8.77
N GLU A 156 -4.16 10.08 -8.02
CA GLU A 156 -2.86 10.79 -8.10
C GLU A 156 -1.73 9.85 -7.65
N LYS A 157 -2.02 9.04 -6.63
CA LYS A 157 -1.06 8.10 -5.99
C LYS A 157 -0.80 6.85 -6.88
N VAL A 158 -1.80 6.38 -7.60
CA VAL A 158 -1.63 5.24 -8.56
C VAL A 158 -0.78 5.73 -9.76
N GLU A 159 -1.02 6.93 -10.32
CA GLU A 159 -0.17 7.50 -11.43
C GLU A 159 1.29 7.50 -10.97
N LYS A 160 1.48 7.84 -9.70
CA LYS A 160 2.81 7.93 -9.03
C LYS A 160 3.40 6.55 -9.01
N ILE A 161 2.63 5.55 -8.58
CA ILE A 161 3.19 4.17 -8.44
C ILE A 161 3.46 3.58 -9.83
N VAL A 162 2.58 3.84 -10.79
CA VAL A 162 2.69 3.37 -12.20
C VAL A 162 3.96 3.93 -12.86
N ARG A 163 4.17 5.25 -12.87
CA ARG A 163 5.39 5.87 -13.45
C ARG A 163 6.64 5.26 -12.84
N GLN A 164 6.56 4.79 -11.60
CA GLN A 164 7.72 4.22 -10.85
C GLN A 164 7.88 2.76 -11.27
N ARG A 165 6.78 2.06 -11.54
CA ARG A 165 6.87 0.69 -12.10
C ARG A 165 7.62 0.75 -13.44
N GLU A 166 7.43 1.84 -14.19
CA GLU A 166 8.07 2.05 -15.52
C GLU A 166 9.55 2.42 -15.31
N ARG A 167 9.84 3.40 -14.47
CA ARG A 167 11.24 3.80 -14.15
C ARG A 167 12.01 2.61 -13.57
N GLU A 168 11.38 1.62 -12.94
CA GLU A 168 12.10 0.39 -12.50
C GLU A 168 12.45 -0.46 -13.74
N LYS A 169 11.63 -0.45 -14.79
CA LYS A 169 11.94 -1.27 -15.99
C LYS A 169 13.22 -0.72 -16.67
N VAL A 170 13.59 0.53 -16.36
CA VAL A 170 14.70 1.28 -17.01
C VAL A 170 15.98 1.10 -16.20
N LEU B 1 24.04 -2.55 13.20
CA LEU B 1 23.39 -1.24 12.82
C LEU B 1 23.11 -1.23 11.32
N LEU B 2 21.88 -0.87 10.94
CA LEU B 2 21.41 -0.72 9.54
C LEU B 2 21.89 0.63 9.01
N PRO B 3 22.56 0.66 7.84
CA PRO B 3 22.91 1.94 7.22
C PRO B 3 21.65 2.74 6.86
N ILE B 4 21.68 4.04 7.12
CA ILE B 4 20.59 4.97 6.74
C ILE B 4 21.00 5.63 5.42
N LEU B 5 20.20 5.42 4.37
CA LEU B 5 20.32 6.14 3.08
C LEU B 5 20.42 7.61 3.42
N SER B 6 21.26 8.32 2.69
CA SER B 6 21.41 9.78 2.82
C SER B 6 20.98 10.46 1.53
N PHE B 7 20.25 11.57 1.65
CA PHE B 7 19.90 12.52 0.56
C PHE B 7 21.22 12.82 -0.16
N PRO B 8 21.33 12.83 -1.52
CA PRO B 8 20.20 12.62 -2.45
C PRO B 8 20.01 11.24 -3.09
N ASP B 9 20.52 10.18 -2.46
CA ASP B 9 20.29 8.77 -2.90
C ASP B 9 18.90 8.65 -3.50
N PRO B 10 18.75 8.22 -4.77
CA PRO B 10 17.43 8.23 -5.42
C PRO B 10 16.48 7.16 -4.84
N ARG B 11 17.04 6.18 -4.11
CA ARG B 11 16.29 5.12 -3.37
C ARG B 11 15.34 5.71 -2.31
N LEU B 12 15.66 6.86 -1.71
CA LEU B 12 14.76 7.61 -0.80
C LEU B 12 13.49 8.05 -1.55
N ARG B 13 13.45 7.90 -2.87
CA ARG B 13 12.36 8.44 -3.73
C ARG B 13 11.33 7.33 -4.02
N THR B 14 11.68 6.07 -3.77
CA THR B 14 10.77 4.89 -3.82
C THR B 14 9.52 5.13 -2.96
N ILE B 15 8.35 4.77 -3.49
CA ILE B 15 7.06 4.73 -2.75
C ILE B 15 7.01 3.35 -2.12
N ALA B 16 6.75 3.27 -0.80
CA ALA B 16 6.77 2.02 -0.02
C ALA B 16 5.56 1.14 -0.39
N LYS B 17 5.72 -0.19 -0.37
CA LYS B 17 4.61 -1.17 -0.56
C LYS B 17 4.04 -1.52 0.83
N PRO B 18 2.73 -1.85 0.93
CA PRO B 18 2.13 -2.27 2.17
C PRO B 18 2.75 -3.58 2.70
N VAL B 19 2.89 -3.71 4.01
CA VAL B 19 3.24 -5.01 4.65
C VAL B 19 2.03 -5.93 4.44
N GLU B 20 2.26 -7.13 3.88
CA GLU B 20 1.20 -8.08 3.47
C GLU B 20 0.75 -8.90 4.69
N GLU B 21 1.72 -9.29 5.52
CA GLU B 21 1.55 -10.00 6.82
C GLU B 21 2.70 -9.51 7.72
N VAL B 22 2.49 -9.41 9.03
CA VAL B 22 3.57 -9.07 10.00
C VAL B 22 4.31 -10.37 10.38
N THR B 23 5.28 -10.77 9.57
CA THR B 23 6.13 -11.97 9.75
C THR B 23 7.11 -11.77 10.91
N ASP B 24 7.83 -12.84 11.28
CA ASP B 24 8.99 -12.79 12.21
C ASP B 24 10.06 -11.84 11.65
N GLU B 25 10.18 -11.75 10.32
CA GLU B 25 11.15 -10.87 9.60
C GLU B 25 10.86 -9.41 9.98
N ILE B 26 9.59 -9.01 9.87
CA ILE B 26 9.15 -7.59 10.06
C ILE B 26 9.46 -7.22 11.51
N ARG B 27 9.23 -8.14 12.46
CA ARG B 27 9.50 -7.94 13.91
C ARG B 27 11.00 -7.64 14.09
N GLN B 28 11.86 -8.45 13.45
CA GLN B 28 13.33 -8.34 13.59
C GLN B 28 13.82 -7.11 12.80
N LEU B 29 13.29 -6.88 11.60
CA LEU B 29 13.55 -5.62 10.85
C LEU B 29 13.15 -4.42 11.70
N ALA B 30 11.98 -4.44 12.33
CA ALA B 30 11.50 -3.35 13.21
C ALA B 30 12.50 -3.08 14.33
N ALA B 31 13.06 -4.15 14.93
CA ALA B 31 14.02 -4.09 16.05
C ALA B 31 15.31 -3.45 15.54
N ASP B 32 15.85 -3.98 14.44
CA ASP B 32 17.01 -3.35 13.76
C ASP B 32 16.78 -1.83 13.71
N MET B 33 15.62 -1.38 13.23
CA MET B 33 15.35 0.05 12.94
C MET B 33 15.33 0.90 14.22
N PHE B 34 14.75 0.41 15.31
CA PHE B 34 14.80 1.08 16.63
C PHE B 34 16.26 1.32 16.96
N GLU B 35 17.08 0.29 16.85
CA GLU B 35 18.46 0.40 17.38
C GLU B 35 19.25 1.40 16.55
N THR B 36 19.26 1.21 15.23
CA THR B 36 19.70 2.24 14.28
C THR B 36 19.14 3.61 14.71
N MET B 37 17.82 3.78 14.83
CA MET B 37 17.18 5.09 15.20
C MET B 37 17.80 5.61 16.52
N TYR B 38 17.86 4.75 17.54
CA TYR B 38 18.41 5.07 18.89
C TYR B 38 19.90 5.45 18.78
N ALA B 39 20.68 4.74 17.97
CA ALA B 39 22.13 5.01 17.75
C ALA B 39 22.37 6.44 17.21
N ALA B 40 21.52 6.98 16.32
CA ALA B 40 21.84 8.18 15.50
C ALA B 40 22.35 9.35 16.35
N PRO B 41 21.56 10.01 17.22
CA PRO B 41 20.22 9.58 17.60
C PRO B 41 19.11 10.31 16.82
N GLY B 42 17.90 9.77 16.91
CA GLY B 42 16.67 10.37 16.33
C GLY B 42 15.42 9.81 16.99
N ILE B 43 14.26 10.39 16.68
CA ILE B 43 12.99 10.09 17.37
C ILE B 43 12.05 9.34 16.41
N GLY B 44 12.44 9.20 15.13
CA GLY B 44 11.61 8.57 14.07
C GLY B 44 12.43 8.00 12.91
N LEU B 45 11.90 6.98 12.25
CA LEU B 45 12.59 6.28 11.15
C LEU B 45 11.61 5.38 10.38
N ALA B 46 11.63 5.50 9.04
CA ALA B 46 10.79 4.76 8.09
C ALA B 46 11.67 3.72 7.41
N ALA B 47 11.10 2.60 7.03
CA ALA B 47 11.86 1.45 6.51
C ALA B 47 12.57 1.85 5.19
N SER B 48 11.88 2.60 4.33
CA SER B 48 12.42 3.39 3.19
C SER B 48 13.84 3.90 3.47
N GLN B 49 14.09 4.44 4.68
CA GLN B 49 15.38 5.10 5.01
C GLN B 49 16.49 4.08 5.23
N VAL B 50 16.19 2.84 5.61
CA VAL B 50 17.21 1.75 5.61
C VAL B 50 17.03 0.86 4.37
N ASP B 51 16.41 1.38 3.30
CA ASP B 51 16.33 0.71 1.98
C ASP B 51 15.40 -0.52 2.01
N ARG B 52 14.38 -0.52 2.88
CA ARG B 52 13.29 -1.54 2.86
C ARG B 52 11.98 -0.82 2.51
N HIS B 53 11.54 -0.91 1.26
CA HIS B 53 10.43 -0.10 0.71
C HIS B 53 9.09 -0.74 1.08
N ILE B 54 8.81 -0.81 2.40
CA ILE B 54 7.53 -1.32 2.98
C ILE B 54 6.99 -0.30 3.99
N GLN B 55 5.67 -0.30 4.22
CA GLN B 55 5.00 0.69 5.09
C GLN B 55 5.21 0.29 6.57
N LEU B 56 6.42 0.54 7.05
CA LEU B 56 6.87 0.29 8.43
C LEU B 56 7.52 1.54 8.99
N ILE B 57 6.97 2.07 10.08
CA ILE B 57 7.49 3.29 10.75
C ILE B 57 7.78 2.95 12.21
N VAL B 58 8.98 3.36 12.67
CA VAL B 58 9.39 3.20 14.09
C VAL B 58 9.54 4.60 14.68
N MET B 59 9.23 4.76 15.97
CA MET B 59 9.20 6.09 16.63
C MET B 59 9.39 5.97 18.16
N ASP B 60 9.97 7.00 18.76
CA ASP B 60 10.05 7.20 20.22
C ASP B 60 10.29 8.69 20.48
N LEU B 61 9.29 9.40 21.01
CA LEU B 61 9.34 10.86 21.31
C LEU B 61 9.83 11.10 22.74
N SER B 62 10.21 10.08 23.50
CA SER B 62 10.46 10.21 24.95
C SER B 62 11.90 10.68 25.20
N GLU B 63 12.09 11.44 26.28
CA GLU B 63 13.43 11.92 26.74
C GLU B 63 14.30 10.70 27.06
N SER B 64 13.72 9.50 27.15
CA SER B 64 14.49 8.23 27.17
C SER B 64 14.15 7.32 25.99
N LYS B 65 14.78 6.15 25.95
CA LYS B 65 14.67 5.11 24.89
C LYS B 65 13.53 4.16 25.24
N ASP B 66 12.48 4.67 25.91
CA ASP B 66 11.58 3.86 26.78
C ASP B 66 10.15 3.76 26.22
N GLU B 67 9.78 4.54 25.19
CA GLU B 67 8.38 4.68 24.72
C GLU B 67 8.27 4.33 23.23
N PRO B 68 8.65 3.09 22.85
CA PRO B 68 8.69 2.74 21.44
C PRO B 68 7.26 2.56 20.85
N MET B 69 7.04 3.04 19.61
CA MET B 69 5.75 2.91 18.89
C MET B 69 6.04 2.43 17.46
N VAL B 70 5.14 1.61 16.91
CA VAL B 70 5.24 0.97 15.57
C VAL B 70 3.95 1.26 14.81
N PHE B 71 4.12 1.72 13.56
CA PHE B 71 3.04 1.96 12.57
C PHE B 71 3.34 1.12 11.31
N ILE B 72 2.43 0.21 10.98
CA ILE B 72 2.49 -0.66 9.76
C ILE B 72 1.25 -0.33 8.93
N ASN B 73 1.46 -0.13 7.62
CA ASN B 73 0.44 0.36 6.64
C ASN B 73 -0.35 1.51 7.23
N PRO B 74 0.26 2.66 7.58
CA PRO B 74 -0.48 3.71 8.24
C PRO B 74 -1.22 4.50 7.18
N LYS B 75 -2.31 5.15 7.59
CA LYS B 75 -2.99 6.23 6.84
C LYS B 75 -3.17 7.38 7.81
N VAL B 76 -2.73 8.59 7.47
CA VAL B 76 -2.92 9.79 8.34
C VAL B 76 -3.84 10.77 7.59
N THR B 77 -4.90 11.22 8.29
CA THR B 77 -5.86 12.25 7.84
C THR B 77 -5.71 13.50 8.71
N PRO B 78 -5.65 14.71 8.12
CA PRO B 78 -5.73 15.94 8.89
C PRO B 78 -7.12 16.02 9.50
N LEU B 79 -7.21 16.46 10.75
CA LEU B 79 -8.49 16.69 11.45
C LEU B 79 -8.87 18.17 11.38
N THR B 80 -8.08 19.00 10.68
CA THR B 80 -8.36 20.45 10.49
C THR B 80 -7.53 21.07 9.35
N GLU B 81 -7.66 22.39 9.20
CA GLU B 81 -6.93 23.29 8.27
C GLU B 81 -5.75 23.97 8.98
N GLU B 82 -5.84 24.13 10.31
CA GLU B 82 -4.77 24.74 11.16
C GLU B 82 -3.43 24.03 10.87
N THR B 83 -2.38 24.80 10.55
CA THR B 83 -1.00 24.30 10.30
C THR B 83 -0.05 24.95 11.31
N GLN B 84 0.48 24.15 12.23
CA GLN B 84 1.54 24.56 13.20
C GLN B 84 2.88 24.56 12.48
N PRO B 85 3.74 25.57 12.76
CA PRO B 85 5.13 25.53 12.30
C PRO B 85 5.93 24.55 13.16
N TYR B 86 7.06 24.03 12.68
CA TYR B 86 8.01 23.24 13.49
C TYR B 86 9.35 23.02 12.78
N GLU B 87 10.42 23.02 13.58
CA GLU B 87 11.81 22.77 13.13
C GLU B 87 12.01 21.25 13.07
N GLU B 88 12.22 20.72 11.86
CA GLU B 88 12.27 19.26 11.60
C GLU B 88 13.71 18.88 11.25
N GLY B 89 14.15 17.74 11.79
CA GLY B 89 15.37 17.04 11.36
C GLY B 89 15.03 15.81 10.55
N CYS B 90 16.05 15.05 10.14
CA CYS B 90 15.91 13.78 9.39
C CYS B 90 17.28 13.11 9.29
N LEU B 91 17.38 11.92 9.87
CA LEU B 91 18.57 11.08 9.85
C LEU B 91 19.05 10.83 8.40
N SER B 92 18.16 10.97 7.41
CA SER B 92 18.48 10.80 5.97
C SER B 92 18.92 12.13 5.38
N VAL B 93 18.69 13.24 6.10
CA VAL B 93 19.33 14.57 5.86
C VAL B 93 20.17 14.98 7.08
N PRO B 94 21.17 14.20 7.52
CA PRO B 94 21.81 14.45 8.82
C PRO B 94 22.32 15.89 8.99
N GLN B 95 22.15 16.46 10.18
CA GLN B 95 22.35 17.91 10.47
C GLN B 95 21.21 18.69 9.79
N ILE B 96 21.48 19.90 9.33
CA ILE B 96 20.47 20.81 8.70
C ILE B 96 19.47 21.22 9.79
N TYR B 97 18.22 20.75 9.74
CA TYR B 97 17.08 21.27 10.55
C TYR B 97 16.60 22.59 9.98
N ASP B 98 15.31 22.69 9.65
CA ASP B 98 14.67 23.95 9.18
C ASP B 98 13.17 23.90 9.48
N LYS B 99 12.43 24.94 9.09
CA LYS B 99 11.00 25.18 9.46
C LYS B 99 10.10 24.40 8.51
N VAL B 100 9.12 23.65 9.05
CA VAL B 100 8.04 23.03 8.21
C VAL B 100 6.66 23.26 8.84
N ASP B 101 5.68 23.53 7.98
CA ASP B 101 4.28 23.93 8.32
C ASP B 101 3.32 22.82 7.91
N ARG B 102 2.94 21.95 8.86
CA ARG B 102 2.04 20.79 8.63
C ARG B 102 0.81 20.93 9.50
N PRO B 103 -0.35 20.37 9.08
CA PRO B 103 -1.52 20.24 9.95
C PRO B 103 -1.20 19.83 11.41
N SER B 104 -1.95 20.42 12.36
CA SER B 104 -1.69 20.43 13.83
C SER B 104 -2.31 19.21 14.52
N ARG B 105 -3.46 18.73 14.03
CA ARG B 105 -4.20 17.56 14.57
C ARG B 105 -4.44 16.58 13.41
N VAL B 106 -4.10 15.31 13.59
CA VAL B 106 -4.35 14.24 12.57
C VAL B 106 -4.87 13.02 13.29
N LYS B 107 -5.64 12.21 12.57
CA LYS B 107 -6.06 10.81 12.90
C LYS B 107 -5.05 9.85 12.28
N ILE B 108 -4.59 8.88 13.06
CA ILE B 108 -3.68 7.82 12.59
C ILE B 108 -4.36 6.46 12.69
N GLU B 109 -4.33 5.77 11.56
CA GLU B 109 -4.93 4.45 11.30
C GLU B 109 -3.76 3.59 10.83
N ALA B 110 -3.35 2.61 11.63
CA ALA B 110 -2.21 1.71 11.36
C ALA B 110 -2.46 0.32 12.00
N ILE B 111 -1.51 -0.60 11.80
CA ILE B 111 -1.42 -1.93 12.45
C ILE B 111 -0.20 -1.94 13.35
N ASN B 112 -0.23 -2.70 14.44
CA ASN B 112 0.93 -2.81 15.35
C ASN B 112 1.70 -4.09 15.01
N LEU B 113 2.74 -4.38 15.77
CA LEU B 113 3.68 -5.49 15.51
C LEU B 113 3.01 -6.82 15.80
N GLU B 114 1.87 -6.81 16.50
CA GLU B 114 1.09 -8.03 16.82
C GLU B 114 0.04 -8.31 15.72
N GLY B 115 -0.19 -7.38 14.78
CA GLY B 115 -1.19 -7.51 13.69
C GLY B 115 -2.54 -6.85 14.00
N GLN B 116 -2.67 -6.12 15.11
CA GLN B 116 -3.93 -5.44 15.51
C GLN B 116 -3.98 -4.02 14.93
N ALA B 117 -5.12 -3.65 14.40
CA ALA B 117 -5.41 -2.28 13.96
C ALA B 117 -5.66 -1.41 15.19
N PHE B 118 -5.26 -0.16 15.07
CA PHE B 118 -5.56 0.89 16.05
C PHE B 118 -5.81 2.16 15.26
N GLU B 119 -6.47 3.11 15.92
CA GLU B 119 -6.91 4.41 15.42
C GLU B 119 -6.60 5.40 16.52
N ILE B 120 -5.70 6.34 16.34
CA ILE B 120 -5.37 7.33 17.40
C ILE B 120 -5.42 8.70 16.76
N GLU B 121 -5.63 9.70 17.60
CA GLU B 121 -5.68 11.15 17.26
C GLU B 121 -4.40 11.75 17.82
N ALA B 122 -3.69 12.57 17.05
CA ALA B 122 -2.35 13.07 17.42
C ALA B 122 -2.29 14.59 17.34
N ASP B 123 -1.71 15.23 18.35
CA ASP B 123 -1.33 16.66 18.27
C ASP B 123 0.16 16.82 18.63
N GLY B 124 0.63 18.07 18.59
CA GLY B 124 2.02 18.44 18.89
C GLY B 124 3.00 17.58 18.13
N LEU B 125 3.92 16.93 18.84
CA LEU B 125 5.13 16.29 18.27
C LEU B 125 4.74 15.01 17.52
N LEU B 126 3.75 14.26 18.01
CA LEU B 126 3.27 13.01 17.36
C LEU B 126 2.79 13.37 15.96
N ALA B 127 1.97 14.42 15.83
CA ALA B 127 1.37 14.87 14.55
C ALA B 127 2.46 15.28 13.56
N VAL B 128 3.52 15.92 14.05
CA VAL B 128 4.68 16.36 13.22
C VAL B 128 5.36 15.11 12.66
N CYS B 129 5.71 14.21 13.56
CA CYS B 129 6.64 13.10 13.30
C CYS B 129 5.94 12.07 12.41
N ILE B 130 4.67 11.70 12.62
CA ILE B 130 4.07 10.65 11.72
C ILE B 130 3.95 11.23 10.32
N GLN B 131 3.67 12.53 10.17
CA GLN B 131 3.46 13.11 8.82
C GLN B 131 4.81 13.13 8.09
N HIS B 132 5.86 13.54 8.79
CA HIS B 132 7.24 13.47 8.26
C HIS B 132 7.51 12.01 7.84
N GLU B 133 7.18 11.02 8.66
CA GLU B 133 7.58 9.61 8.35
C GLU B 133 6.65 9.06 7.26
N MET B 134 5.38 9.47 7.25
CA MET B 134 4.41 9.08 6.19
C MET B 134 4.98 9.58 4.85
N ASP B 135 5.43 10.84 4.83
CA ASP B 135 6.08 11.40 3.62
C ASP B 135 7.14 10.42 3.10
N HIS B 136 7.91 9.75 3.97
CA HIS B 136 9.05 8.89 3.59
C HIS B 136 8.55 7.67 2.81
N LEU B 137 7.45 7.11 3.29
CA LEU B 137 6.72 6.00 2.64
C LEU B 137 6.26 6.42 1.23
N ASN B 138 6.01 7.72 1.00
CA ASN B 138 5.65 8.27 -0.34
C ASN B 138 6.86 8.91 -1.01
N GLY B 139 8.08 8.50 -0.63
CA GLY B 139 9.33 8.92 -1.28
C GLY B 139 9.62 10.40 -1.13
N LYS B 140 8.99 11.09 -0.17
CA LYS B 140 9.14 12.54 0.06
C LYS B 140 10.07 12.80 1.26
N LEU B 141 10.76 13.95 1.24
CA LEU B 141 11.77 14.40 2.23
C LEU B 141 11.36 15.81 2.67
N PHE B 142 11.60 16.21 3.93
CA PHE B 142 11.15 17.54 4.44
C PHE B 142 11.87 18.63 3.67
N VAL B 143 12.98 18.32 2.99
CA VAL B 143 13.75 19.27 2.15
C VAL B 143 12.92 19.66 0.91
N ASP B 144 11.81 18.96 0.66
CA ASP B 144 10.94 19.22 -0.52
C ASP B 144 10.10 20.46 -0.25
N TYR B 145 9.89 20.82 1.02
CA TYR B 145 9.08 21.99 1.49
C TYR B 145 9.97 23.21 1.76
N LEU B 146 11.28 23.09 1.53
CA LEU B 146 12.22 24.24 1.64
C LEU B 146 12.52 24.76 0.22
N SER B 147 12.92 26.02 0.11
CA SER B 147 13.43 26.68 -1.13
C SER B 147 14.54 25.83 -1.76
N PRO B 148 14.68 25.86 -3.12
CA PRO B 148 15.70 25.10 -3.83
C PRO B 148 17.15 25.24 -3.35
N LEU B 149 17.62 26.47 -3.08
CA LEU B 149 19.02 26.77 -2.69
C LEU B 149 19.25 26.29 -1.25
N LYS B 150 18.26 26.48 -0.37
CA LYS B 150 18.23 25.89 1.00
C LYS B 150 18.31 24.36 0.92
N ARG B 151 17.70 23.77 -0.10
CA ARG B 151 17.86 22.34 -0.44
C ARG B 151 19.31 22.10 -0.91
N GLN B 152 19.83 22.97 -1.78
CA GLN B 152 21.13 22.73 -2.46
C GLN B 152 22.27 22.84 -1.45
N ARG B 153 22.19 23.80 -0.51
CA ARG B 153 23.14 23.89 0.63
C ARG B 153 23.08 22.58 1.43
N ALA B 154 21.91 21.95 1.54
CA ALA B 154 21.74 20.68 2.30
C ALA B 154 22.34 19.50 1.50
N ARG B 155 22.13 19.46 0.18
CA ARG B 155 22.75 18.44 -0.74
C ARG B 155 24.27 18.47 -0.53
N GLU B 156 24.87 19.66 -0.64
CA GLU B 156 26.33 19.88 -0.57
C GLU B 156 26.82 19.52 0.84
N LYS B 157 26.06 19.89 1.86
CA LYS B 157 26.50 19.80 3.28
C LYS B 157 26.34 18.36 3.81
N VAL B 158 25.41 17.58 3.26
CA VAL B 158 25.25 16.15 3.66
C VAL B 158 26.36 15.30 3.00
N GLU B 159 26.77 15.60 1.76
CA GLU B 159 27.90 14.87 1.09
C GLU B 159 29.13 14.96 1.99
N LYS B 160 29.34 16.15 2.57
CA LYS B 160 30.52 16.46 3.42
C LYS B 160 30.39 15.70 4.71
N ILE B 161 29.18 15.62 5.27
CA ILE B 161 28.98 14.85 6.53
C ILE B 161 29.15 13.35 6.26
N VAL B 162 28.70 12.85 5.10
CA VAL B 162 28.78 11.39 4.75
C VAL B 162 30.25 11.01 4.50
N ARG B 163 30.99 11.82 3.76
CA ARG B 163 32.46 11.59 3.56
C ARG B 163 33.16 11.44 4.92
N GLN B 164 32.78 12.25 5.90
CA GLN B 164 33.44 12.35 7.23
C GLN B 164 33.02 11.15 8.09
N ARG B 165 31.77 10.69 7.94
CA ARG B 165 31.31 9.44 8.59
C ARG B 165 32.12 8.24 8.06
N GLU B 166 32.57 8.32 6.80
CA GLU B 166 33.44 7.29 6.18
C GLU B 166 34.86 7.44 6.73
N ARG B 167 35.44 8.62 6.69
CA ARG B 167 36.81 8.86 7.24
C ARG B 167 36.89 8.48 8.74
N GLU B 168 35.80 8.52 9.52
CA GLU B 168 35.80 8.05 10.94
C GLU B 168 35.92 6.52 10.98
N LYS B 169 35.31 5.79 10.06
CA LYS B 169 35.39 4.32 10.13
C LYS B 169 36.87 3.91 9.99
N VAL B 170 37.65 4.74 9.32
CA VAL B 170 39.10 4.55 9.01
C VAL B 170 39.94 5.06 10.17
#